data_1VF4
#
_entry.id   1VF4
#
_cell.length_a   55.115
_cell.length_b   84.832
_cell.length_c   114.256
_cell.angle_alpha   90.00
_cell.angle_beta   90.00
_cell.angle_gamma   90.00
#
_symmetry.space_group_name_H-M   'I 21 21 21'
#
loop_
_entity.id
_entity.type
_entity.pdbx_description
1 polymer 'Glutathione S-transferase 3'
2 non-polymer 'ACETIC ACID'
3 water water
#
_entity_poly.entity_id   1
_entity_poly.type   'polypeptide(L)'
_entity_poly.pdbx_seq_one_letter_code
;MAAKPVLYYFNGRGKMESIRWLLAAAGVEFEEVFLETREQYEKLLQSGILMFQQVPMVEIDGMKLVQTRAILNYIAGKYN
LYGKDLKERALIDMYVGGTDDLMGFLLSFPFLSAEDKVKQCAFVVEKATSRYFPAYEKVLKDHGQDFLVGNRLSWADIHL
LEAILMVEEKKSDALSGFPLLQAFKKRISSIPTIKKFLAPGSKRKPISDDKYVETVRRVLRMYYDVKPH
;
_entity_poly.pdbx_strand_id   A
#
# COMPACT_ATOMS: atom_id res chain seq x y z
N ALA A 2 -23.03 -0.23 11.47
CA ALA A 2 -21.87 0.32 10.71
C ALA A 2 -22.25 1.60 9.98
N ALA A 3 -21.31 2.14 9.21
CA ALA A 3 -21.52 3.36 8.44
C ALA A 3 -20.42 3.47 7.37
N LYS A 4 -19.59 4.50 7.49
CA LYS A 4 -18.51 4.71 6.54
C LYS A 4 -17.16 4.51 7.23
N PRO A 5 -16.28 3.68 6.63
CA PRO A 5 -14.96 3.41 7.19
C PRO A 5 -14.18 4.66 7.57
N VAL A 6 -13.51 4.61 8.72
CA VAL A 6 -12.73 5.75 9.18
C VAL A 6 -11.28 5.31 9.34
N LEU A 7 -10.38 5.94 8.61
CA LEU A 7 -8.97 5.57 8.67
C LEU A 7 -8.16 6.54 9.54
N TYR A 8 -7.67 6.07 10.68
CA TYR A 8 -6.86 6.89 11.58
C TYR A 8 -5.39 6.67 11.25
N TYR A 9 -4.70 7.75 10.90
CA TYR A 9 -3.28 7.67 10.54
C TYR A 9 -2.79 9.08 10.23
N PHE A 10 -1.50 9.19 9.92
CA PHE A 10 -0.92 10.48 9.58
C PHE A 10 -1.41 10.87 8.19
N ASN A 11 -1.35 12.17 7.91
CA ASN A 11 -1.77 12.67 6.60
C ASN A 11 -0.64 12.42 5.59
N GLY A 12 -0.40 11.14 5.29
CA GLY A 12 0.62 10.76 4.36
C GLY A 12 0.46 9.30 4.03
N ARG A 13 1.37 8.76 3.23
CA ARG A 13 1.30 7.36 2.82
C ARG A 13 1.48 6.33 3.95
N GLY A 14 2.72 6.09 4.34
CA GLY A 14 2.97 5.12 5.40
C GLY A 14 2.44 3.72 5.10
N LYS A 15 1.87 3.08 6.11
CA LYS A 15 1.34 1.73 5.95
C LYS A 15 -0.15 1.80 5.67
N MET A 16 -0.69 3.00 5.71
CA MET A 16 -2.11 3.20 5.46
C MET A 16 -2.44 3.28 3.97
N GLU A 17 -1.47 3.73 3.17
CA GLU A 17 -1.67 3.90 1.74
C GLU A 17 -2.31 2.68 1.07
N SER A 18 -1.70 1.50 1.25
CA SER A 18 -2.25 0.28 0.66
C SER A 18 -3.74 0.04 0.97
N ILE A 19 -4.17 0.39 2.17
CA ILE A 19 -5.56 0.24 2.57
C ILE A 19 -6.43 1.26 1.83
N ARG A 20 -5.88 2.46 1.63
CA ARG A 20 -6.60 3.50 0.89
C ARG A 20 -6.81 2.95 -0.52
N TRP A 21 -5.75 2.40 -1.10
CA TRP A 21 -5.82 1.82 -2.44
C TRP A 21 -6.89 0.72 -2.53
N LEU A 22 -6.87 -0.23 -1.62
CA LEU A 22 -7.84 -1.32 -1.65
C LEU A 22 -9.28 -0.85 -1.50
N LEU A 23 -9.55 0.01 -0.53
CA LEU A 23 -10.91 0.52 -0.33
C LEU A 23 -11.41 1.27 -1.57
N ALA A 24 -10.51 1.99 -2.22
CA ALA A 24 -10.86 2.76 -3.41
C ALA A 24 -11.16 1.84 -4.59
N ALA A 25 -10.27 0.88 -4.82
CA ALA A 25 -10.46 -0.06 -5.92
C ALA A 25 -11.83 -0.74 -5.76
N ALA A 26 -12.26 -0.94 -4.51
CA ALA A 26 -13.54 -1.58 -4.24
C ALA A 26 -14.70 -0.59 -4.34
N GLY A 27 -14.40 0.68 -4.62
CA GLY A 27 -15.45 1.67 -4.74
C GLY A 27 -16.04 2.04 -3.39
N VAL A 28 -15.26 1.85 -2.33
CA VAL A 28 -15.73 2.17 -0.99
C VAL A 28 -15.25 3.55 -0.55
N GLU A 29 -16.20 4.38 -0.12
CA GLU A 29 -15.86 5.72 0.35
C GLU A 29 -15.50 5.68 1.82
N PHE A 30 -14.51 6.46 2.20
CA PHE A 30 -14.06 6.46 3.59
C PHE A 30 -13.73 7.85 4.08
N GLU A 31 -13.65 7.97 5.41
CA GLU A 31 -13.32 9.22 6.09
C GLU A 31 -11.96 8.99 6.74
N GLU A 32 -11.19 10.07 6.89
CA GLU A 32 -9.89 9.94 7.52
C GLU A 32 -9.76 10.90 8.68
N VAL A 33 -9.03 10.48 9.70
CA VAL A 33 -8.77 11.31 10.86
C VAL A 33 -7.25 11.33 10.89
N PHE A 34 -6.66 12.50 10.68
CA PHE A 34 -5.22 12.61 10.65
C PHE A 34 -4.57 12.90 12.01
N LEU A 35 -3.38 12.35 12.21
CA LEU A 35 -2.62 12.56 13.44
C LEU A 35 -1.65 13.71 13.22
N GLU A 36 -1.93 14.85 13.82
CA GLU A 36 -1.08 16.04 13.67
C GLU A 36 -0.33 16.45 14.93
N THR A 37 -0.94 16.21 16.08
CA THR A 37 -0.34 16.60 17.35
C THR A 37 -0.02 15.41 18.27
N ARG A 38 0.96 15.60 19.13
CA ARG A 38 1.35 14.57 20.08
C ARG A 38 0.25 14.36 21.12
N GLU A 39 -0.36 15.47 21.57
CA GLU A 39 -1.44 15.39 22.56
C GLU A 39 -2.58 14.58 21.99
N GLN A 40 -2.76 14.69 20.68
CA GLN A 40 -3.83 13.99 19.96
C GLN A 40 -3.60 12.48 20.12
N TYR A 41 -2.36 12.08 19.90
CA TYR A 41 -1.96 10.68 20.01
C TYR A 41 -2.17 10.19 21.44
N GLU A 42 -1.70 10.96 22.41
CA GLU A 42 -1.83 10.62 23.83
C GLU A 42 -3.29 10.43 24.21
N LYS A 43 -4.14 11.29 23.67
CA LYS A 43 -5.58 11.23 23.93
C LYS A 43 -6.13 9.92 23.37
N LEU A 44 -5.66 9.58 22.18
CA LEU A 44 -6.06 8.37 21.48
C LEU A 44 -5.63 7.11 22.24
N LEU A 45 -4.46 7.18 22.87
CA LEU A 45 -3.92 6.06 23.64
C LEU A 45 -4.75 5.75 24.88
N GLN A 46 -4.93 6.75 25.74
CA GLN A 46 -5.70 6.60 26.97
C GLN A 46 -7.12 6.12 26.65
N SER A 47 -7.57 6.40 25.43
CA SER A 47 -8.88 5.99 24.97
C SER A 47 -8.91 4.47 24.90
N GLY A 48 -7.75 3.88 24.63
CA GLY A 48 -7.62 2.44 24.55
C GLY A 48 -8.29 1.80 23.35
N ILE A 49 -8.43 2.53 22.24
CA ILE A 49 -9.05 1.95 21.04
C ILE A 49 -8.00 1.36 20.09
N LEU A 50 -6.73 1.54 20.44
CA LEU A 50 -5.62 0.99 19.67
C LEU A 50 -5.12 -0.20 20.46
N MET A 51 -5.64 -1.38 20.15
CA MET A 51 -5.29 -2.62 20.86
C MET A 51 -3.82 -2.80 21.21
N PHE A 52 -2.93 -2.44 20.28
CA PHE A 52 -1.50 -2.58 20.53
C PHE A 52 -0.77 -1.25 20.52
N GLN A 53 -1.50 -0.19 20.84
CA GLN A 53 -0.93 1.15 20.92
C GLN A 53 -0.35 1.68 19.61
N GLN A 54 -0.87 1.20 18.49
CA GLN A 54 -0.36 1.66 17.21
C GLN A 54 -1.43 1.92 16.16
N VAL A 55 -1.02 2.63 15.12
CA VAL A 55 -1.84 2.92 13.96
C VAL A 55 -1.05 2.23 12.84
N PRO A 56 -1.67 1.99 11.67
CA PRO A 56 -3.04 2.28 11.26
C PRO A 56 -4.10 1.72 12.17
N MET A 57 -5.29 2.29 12.09
CA MET A 57 -6.42 1.81 12.86
C MET A 57 -7.59 2.17 11.98
N VAL A 58 -8.51 1.23 11.81
CA VAL A 58 -9.65 1.48 10.96
C VAL A 58 -10.93 1.04 11.64
N GLU A 59 -11.91 1.94 11.65
CA GLU A 59 -13.21 1.66 12.21
C GLU A 59 -14.05 1.27 11.01
N ILE A 60 -14.48 0.01 10.97
CA ILE A 60 -15.27 -0.47 9.86
C ILE A 60 -16.22 -1.56 10.32
N ASP A 61 -17.49 -1.41 9.99
CA ASP A 61 -18.52 -2.36 10.37
C ASP A 61 -18.51 -2.65 11.87
N GLY A 62 -18.47 -1.59 12.68
CA GLY A 62 -18.47 -1.75 14.12
C GLY A 62 -17.13 -2.05 14.78
N MET A 63 -16.18 -2.59 14.01
CA MET A 63 -14.88 -2.92 14.58
C MET A 63 -13.89 -1.78 14.46
N LYS A 64 -12.91 -1.80 15.37
CA LYS A 64 -11.83 -0.83 15.38
C LYS A 64 -10.58 -1.69 15.18
N LEU A 65 -10.27 -1.96 13.91
CA LEU A 65 -9.14 -2.79 13.55
C LEU A 65 -7.77 -2.14 13.49
N VAL A 66 -6.78 -2.89 13.98
CA VAL A 66 -5.37 -2.51 13.97
C VAL A 66 -4.64 -3.66 13.27
N GLN A 67 -3.38 -3.43 12.91
CA GLN A 67 -2.55 -4.40 12.19
C GLN A 67 -2.94 -4.32 10.71
N THR A 68 -2.12 -3.59 9.96
CA THR A 68 -2.32 -3.36 8.54
C THR A 68 -2.80 -4.59 7.77
N ARG A 69 -2.09 -5.71 7.88
CA ARG A 69 -2.46 -6.93 7.17
C ARG A 69 -3.84 -7.46 7.59
N ALA A 70 -4.21 -7.28 8.85
CA ALA A 70 -5.51 -7.74 9.32
C ALA A 70 -6.60 -6.97 8.57
N ILE A 71 -6.42 -5.65 8.58
CA ILE A 71 -7.31 -4.70 7.92
C ILE A 71 -7.46 -5.01 6.43
N LEU A 72 -6.34 -5.06 5.71
CA LEU A 72 -6.36 -5.37 4.28
C LEU A 72 -7.03 -6.70 4.01
N ASN A 73 -6.67 -7.71 4.80
CA ASN A 73 -7.25 -9.05 4.65
C ASN A 73 -8.76 -8.94 4.75
N TYR A 74 -9.23 -8.28 5.80
CA TYR A 74 -10.65 -8.11 6.02
C TYR A 74 -11.31 -7.44 4.81
N ILE A 75 -10.69 -6.36 4.32
CA ILE A 75 -11.20 -5.62 3.18
C ILE A 75 -11.20 -6.44 1.89
N ALA A 76 -10.18 -7.26 1.69
CA ALA A 76 -10.11 -8.06 0.47
C ALA A 76 -11.19 -9.14 0.47
N GLY A 77 -11.44 -9.71 1.64
CA GLY A 77 -12.46 -10.73 1.76
C GLY A 77 -13.86 -10.14 1.62
N LYS A 78 -14.13 -9.08 2.38
CA LYS A 78 -15.43 -8.44 2.34
C LYS A 78 -15.87 -8.01 0.95
N TYR A 79 -14.98 -7.45 0.13
CA TYR A 79 -15.38 -7.01 -1.19
C TYR A 79 -15.05 -7.96 -2.32
N ASN A 80 -14.92 -9.24 -1.99
CA ASN A 80 -14.68 -10.29 -2.98
C ASN A 80 -13.50 -10.06 -3.90
N LEU A 81 -12.39 -9.66 -3.32
CA LEU A 81 -11.16 -9.41 -4.04
C LEU A 81 -10.10 -10.30 -3.44
N TYR A 82 -10.53 -11.45 -2.92
CA TYR A 82 -9.62 -12.40 -2.28
C TYR A 82 -9.70 -13.82 -2.86
N GLY A 83 -10.29 -13.96 -4.04
CA GLY A 83 -10.38 -15.29 -4.65
C GLY A 83 -11.65 -16.05 -4.30
N LYS A 84 -11.78 -17.26 -4.87
CA LYS A 84 -12.96 -18.11 -4.66
C LYS A 84 -12.74 -19.21 -3.61
N ASP A 85 -11.50 -19.62 -3.42
CA ASP A 85 -11.20 -20.67 -2.45
C ASP A 85 -9.82 -20.48 -1.84
N LEU A 86 -9.42 -21.45 -1.01
CA LEU A 86 -8.12 -21.42 -0.33
C LEU A 86 -6.94 -21.42 -1.25
N LYS A 87 -7.05 -22.17 -2.34
CA LYS A 87 -5.98 -22.28 -3.33
C LYS A 87 -5.72 -20.91 -3.96
N GLU A 88 -6.79 -20.27 -4.40
CA GLU A 88 -6.70 -18.96 -5.04
C GLU A 88 -6.28 -17.89 -4.03
N ARG A 89 -6.68 -18.08 -2.78
CA ARG A 89 -6.32 -17.13 -1.75
C ARG A 89 -4.84 -17.30 -1.36
N ALA A 90 -4.33 -18.52 -1.47
CA ALA A 90 -2.93 -18.79 -1.16
C ALA A 90 -2.04 -18.07 -2.18
N LEU A 91 -2.46 -18.10 -3.43
CA LEU A 91 -1.73 -17.44 -4.50
C LEU A 91 -1.73 -15.94 -4.26
N ILE A 92 -2.90 -15.38 -3.98
CA ILE A 92 -3.02 -13.95 -3.73
C ILE A 92 -2.10 -13.53 -2.55
N ASP A 93 -2.14 -14.28 -1.45
CA ASP A 93 -1.29 -13.98 -0.30
C ASP A 93 0.18 -14.07 -0.69
N MET A 94 0.51 -15.04 -1.53
CA MET A 94 1.89 -15.20 -1.96
C MET A 94 2.36 -13.99 -2.75
N TYR A 95 1.56 -13.58 -3.74
CA TYR A 95 1.91 -12.43 -4.57
C TYR A 95 1.93 -11.17 -3.71
N VAL A 96 0.86 -10.94 -2.95
CA VAL A 96 0.79 -9.77 -2.09
C VAL A 96 2.01 -9.73 -1.19
N GLY A 97 2.41 -10.89 -0.68
CA GLY A 97 3.57 -10.97 0.19
C GLY A 97 4.79 -10.36 -0.47
N GLY A 98 5.05 -10.72 -1.72
CA GLY A 98 6.19 -10.19 -2.43
C GLY A 98 6.13 -8.69 -2.68
N THR A 99 4.98 -8.14 -3.06
CA THR A 99 4.89 -6.72 -3.31
C THR A 99 4.92 -5.95 -1.97
N ASP A 100 4.54 -6.64 -0.90
CA ASP A 100 4.55 -6.03 0.43
C ASP A 100 6.01 -5.88 0.89
N ASP A 101 6.81 -6.90 0.65
CA ASP A 101 8.22 -6.85 1.03
C ASP A 101 8.89 -5.75 0.24
N LEU A 102 8.57 -5.69 -1.06
CA LEU A 102 9.13 -4.69 -1.94
C LEU A 102 8.77 -3.31 -1.45
N MET A 103 7.48 -3.08 -1.20
CA MET A 103 7.05 -1.77 -0.70
C MET A 103 7.65 -1.51 0.68
N GLY A 104 7.81 -2.58 1.46
CA GLY A 104 8.37 -2.44 2.79
C GLY A 104 9.76 -1.81 2.78
N PHE A 105 10.48 -1.95 1.68
CA PHE A 105 11.81 -1.38 1.57
C PHE A 105 11.79 0.13 1.40
N LEU A 106 10.61 0.69 1.15
CA LEU A 106 10.50 2.14 0.97
C LEU A 106 9.84 2.85 2.16
N LEU A 107 9.37 2.10 3.14
CA LEU A 107 8.72 2.72 4.29
C LEU A 107 9.52 3.82 4.95
N SER A 108 10.76 3.50 5.32
CA SER A 108 11.65 4.45 6.00
C SER A 108 12.30 5.48 5.09
N PHE A 109 12.13 5.33 3.77
CA PHE A 109 12.78 6.22 2.82
C PHE A 109 12.70 7.72 3.14
N PRO A 110 11.50 8.24 3.43
CA PRO A 110 11.45 9.68 3.73
C PRO A 110 12.20 10.08 5.00
N PHE A 111 12.62 9.09 5.80
CA PHE A 111 13.34 9.39 7.03
C PHE A 111 14.83 9.21 6.89
N LEU A 112 15.27 8.86 5.69
CA LEU A 112 16.69 8.65 5.44
C LEU A 112 17.40 9.95 5.09
N SER A 113 18.72 9.92 5.19
CA SER A 113 19.54 11.08 4.88
C SER A 113 19.66 11.11 3.35
N ALA A 114 20.07 12.24 2.81
CA ALA A 114 20.21 12.37 1.37
C ALA A 114 21.14 11.30 0.82
N GLU A 115 22.18 10.98 1.59
CA GLU A 115 23.17 9.97 1.18
C GLU A 115 22.57 8.57 1.17
N ASP A 116 21.70 8.29 2.13
CA ASP A 116 21.04 7.00 2.22
C ASP A 116 19.96 6.85 1.16
N LYS A 117 19.15 7.90 1.00
CA LYS A 117 18.07 7.88 0.01
C LYS A 117 18.60 7.37 -1.33
N VAL A 118 19.80 7.81 -1.70
CA VAL A 118 20.42 7.40 -2.95
C VAL A 118 20.78 5.91 -2.91
N LYS A 119 21.33 5.48 -1.77
CA LYS A 119 21.72 4.09 -1.59
C LYS A 119 20.50 3.18 -1.56
N GLN A 120 19.47 3.61 -0.85
CA GLN A 120 18.25 2.83 -0.74
C GLN A 120 17.55 2.78 -2.09
N CYS A 121 17.53 3.92 -2.77
CA CYS A 121 16.90 4.00 -4.09
C CYS A 121 17.38 2.91 -5.03
N ALA A 122 18.69 2.73 -5.15
CA ALA A 122 19.25 1.70 -6.03
C ALA A 122 18.93 0.30 -5.53
N PHE A 123 19.05 0.11 -4.22
CA PHE A 123 18.78 -1.17 -3.58
C PHE A 123 17.39 -1.68 -3.97
N VAL A 124 16.40 -0.80 -3.87
CA VAL A 124 15.02 -1.12 -4.21
C VAL A 124 14.83 -1.40 -5.70
N VAL A 125 15.53 -0.64 -6.54
CA VAL A 125 15.45 -0.81 -7.99
C VAL A 125 15.98 -2.19 -8.39
N GLU A 126 17.12 -2.58 -7.83
CA GLU A 126 17.73 -3.88 -8.09
C GLU A 126 16.75 -4.97 -7.64
N LYS A 127 16.22 -4.82 -6.43
CA LYS A 127 15.25 -5.76 -5.88
C LYS A 127 14.08 -5.99 -6.83
N ALA A 128 13.50 -4.90 -7.33
CA ALA A 128 12.36 -4.99 -8.21
C ALA A 128 12.66 -5.58 -9.59
N THR A 129 13.80 -5.21 -10.17
CA THR A 129 14.15 -5.68 -11.50
C THR A 129 14.69 -7.09 -11.61
N SER A 130 15.41 -7.55 -10.59
CA SER A 130 15.98 -8.89 -10.66
C SER A 130 15.18 -9.93 -9.89
N ARG A 131 14.40 -9.47 -8.91
CA ARG A 131 13.63 -10.41 -8.12
C ARG A 131 12.14 -10.40 -8.35
N TYR A 132 11.50 -9.29 -7.97
CA TYR A 132 10.06 -9.17 -8.08
C TYR A 132 9.43 -9.08 -9.47
N PHE A 133 9.84 -8.11 -10.29
CA PHE A 133 9.24 -7.98 -11.61
C PHE A 133 9.35 -9.24 -12.47
N PRO A 134 10.49 -9.94 -12.41
CA PRO A 134 10.58 -11.14 -13.23
C PRO A 134 9.58 -12.20 -12.78
N ALA A 135 9.36 -12.29 -11.47
CA ALA A 135 8.43 -13.27 -10.92
C ALA A 135 7.00 -13.00 -11.35
N TYR A 136 6.54 -11.76 -11.22
CA TYR A 136 5.19 -11.38 -11.61
C TYR A 136 5.02 -11.42 -13.13
N GLU A 137 6.09 -11.11 -13.85
CA GLU A 137 6.05 -11.14 -15.30
C GLU A 137 5.75 -12.59 -15.69
N LYS A 138 6.43 -13.53 -15.05
CA LYS A 138 6.23 -14.95 -15.36
C LYS A 138 4.82 -15.41 -15.05
N VAL A 139 4.25 -14.97 -13.95
CA VAL A 139 2.88 -15.37 -13.60
C VAL A 139 1.95 -15.03 -14.77
N LEU A 140 2.07 -13.82 -15.28
CA LEU A 140 1.24 -13.38 -16.40
C LEU A 140 1.57 -14.18 -17.65
N LYS A 141 2.86 -14.39 -17.92
CA LYS A 141 3.23 -15.13 -19.10
C LYS A 141 2.66 -16.53 -19.07
N ASP A 142 2.95 -17.25 -17.99
CA ASP A 142 2.50 -18.63 -17.86
C ASP A 142 0.99 -18.89 -18.04
N HIS A 143 0.12 -17.97 -17.64
CA HIS A 143 -1.29 -18.23 -17.88
C HIS A 143 -1.91 -17.29 -18.90
N GLY A 144 -1.12 -16.33 -19.37
CA GLY A 144 -1.60 -15.40 -20.38
C GLY A 144 -2.95 -14.73 -20.15
N GLN A 145 -3.35 -14.55 -18.90
CA GLN A 145 -4.62 -13.90 -18.58
C GLN A 145 -4.38 -12.47 -18.11
N ASP A 146 -5.39 -11.61 -18.24
CA ASP A 146 -5.25 -10.21 -17.86
C ASP A 146 -5.00 -9.99 -16.39
N PHE A 147 -5.45 -10.92 -15.55
CA PHE A 147 -5.28 -10.80 -14.11
C PHE A 147 -4.38 -11.86 -13.51
N LEU A 148 -3.79 -11.54 -12.37
CA LEU A 148 -2.88 -12.47 -11.70
C LEU A 148 -3.56 -13.75 -11.23
N VAL A 149 -4.80 -13.64 -10.75
CA VAL A 149 -5.50 -14.80 -10.23
C VAL A 149 -6.97 -14.84 -10.57
N GLY A 150 -7.43 -16.02 -11.01
CA GLY A 150 -8.84 -16.21 -11.34
C GLY A 150 -9.40 -15.44 -12.51
N ASN A 151 -8.51 -14.93 -13.36
CA ASN A 151 -8.91 -14.16 -14.54
C ASN A 151 -9.90 -13.07 -14.14
N ARG A 152 -9.66 -12.48 -12.98
CA ARG A 152 -10.51 -11.41 -12.49
C ARG A 152 -9.69 -10.57 -11.52
N LEU A 153 -10.06 -9.31 -11.38
CA LEU A 153 -9.34 -8.40 -10.48
C LEU A 153 -9.34 -8.95 -9.07
N SER A 154 -8.17 -8.93 -8.44
CA SER A 154 -8.02 -9.40 -7.07
C SER A 154 -7.10 -8.42 -6.36
N TRP A 155 -7.09 -8.49 -5.04
CA TRP A 155 -6.26 -7.63 -4.22
C TRP A 155 -4.81 -7.67 -4.72
N ALA A 156 -4.35 -8.83 -5.15
CA ALA A 156 -2.98 -9.00 -5.64
C ALA A 156 -2.66 -8.06 -6.78
N ASP A 157 -3.59 -7.90 -7.72
CA ASP A 157 -3.40 -7.01 -8.85
C ASP A 157 -3.26 -5.57 -8.38
N ILE A 158 -4.16 -5.19 -7.48
CA ILE A 158 -4.16 -3.86 -6.93
C ILE A 158 -2.87 -3.57 -6.17
N HIS A 159 -2.39 -4.54 -5.41
CA HIS A 159 -1.16 -4.37 -4.65
C HIS A 159 0.04 -4.27 -5.60
N LEU A 160 0.02 -5.06 -6.66
CA LEU A 160 1.10 -5.05 -7.64
C LEU A 160 1.20 -3.69 -8.32
N LEU A 161 0.06 -3.17 -8.77
CA LEU A 161 0.04 -1.89 -9.44
C LEU A 161 0.65 -0.81 -8.54
N GLU A 162 0.19 -0.74 -7.29
CA GLU A 162 0.72 0.25 -6.37
C GLU A 162 2.24 0.13 -6.25
N ALA A 163 2.74 -1.08 -6.11
CA ALA A 163 4.18 -1.31 -6.01
C ALA A 163 4.90 -0.86 -7.29
N ILE A 164 4.27 -1.06 -8.44
CA ILE A 164 4.88 -0.66 -9.70
C ILE A 164 5.05 0.86 -9.74
N LEU A 165 3.98 1.60 -9.52
CA LEU A 165 4.02 3.04 -9.53
C LEU A 165 5.02 3.60 -8.51
N MET A 166 5.18 2.92 -7.38
CA MET A 166 6.12 3.38 -6.35
C MET A 166 7.55 3.23 -6.84
N VAL A 167 7.85 2.10 -7.47
CA VAL A 167 9.20 1.88 -7.98
C VAL A 167 9.43 2.88 -9.10
N GLU A 168 8.41 3.11 -9.91
CA GLU A 168 8.53 4.06 -11.02
C GLU A 168 8.69 5.52 -10.56
N GLU A 169 8.38 5.80 -9.29
CA GLU A 169 8.54 7.17 -8.78
C GLU A 169 10.01 7.37 -8.43
N LYS A 170 10.76 6.27 -8.39
CA LYS A 170 12.19 6.33 -8.08
C LYS A 170 13.05 6.11 -9.33
N LYS A 171 12.61 5.22 -10.22
CA LYS A 171 13.32 4.91 -11.44
C LYS A 171 12.25 4.75 -12.51
N SER A 172 11.88 5.88 -13.11
CA SER A 172 10.84 5.93 -14.13
C SER A 172 10.80 4.84 -15.20
N ASP A 173 11.95 4.27 -15.54
CA ASP A 173 11.98 3.24 -16.58
C ASP A 173 12.23 1.83 -16.02
N ALA A 174 12.10 1.69 -14.69
CA ALA A 174 12.34 0.43 -14.01
C ALA A 174 11.54 -0.74 -14.58
N LEU A 175 10.43 -0.44 -15.24
CA LEU A 175 9.58 -1.48 -15.81
C LEU A 175 10.00 -1.87 -17.22
N SER A 176 10.99 -1.17 -17.78
CA SER A 176 11.48 -1.45 -19.12
C SER A 176 11.99 -2.88 -19.24
N GLY A 177 11.40 -3.64 -20.15
CA GLY A 177 11.81 -5.03 -20.33
C GLY A 177 10.81 -6.01 -19.76
N PHE A 178 9.71 -5.49 -19.21
CA PHE A 178 8.67 -6.33 -18.63
C PHE A 178 7.38 -5.99 -19.32
N PRO A 179 7.32 -6.26 -20.64
CA PRO A 179 6.16 -5.99 -21.49
C PRO A 179 4.83 -6.33 -20.85
N LEU A 180 4.75 -7.51 -20.26
CA LEU A 180 3.52 -7.96 -19.65
C LEU A 180 3.07 -7.09 -18.48
N LEU A 181 4.02 -6.60 -17.69
CA LEU A 181 3.68 -5.74 -16.57
C LEU A 181 3.31 -4.35 -17.10
N GLN A 182 3.91 -3.97 -18.22
CA GLN A 182 3.62 -2.67 -18.82
C GLN A 182 2.19 -2.66 -19.32
N ALA A 183 1.74 -3.79 -19.84
CA ALA A 183 0.38 -3.91 -20.33
C ALA A 183 -0.55 -4.10 -19.14
N PHE A 184 -0.04 -4.74 -18.10
CA PHE A 184 -0.80 -4.98 -16.87
C PHE A 184 -1.06 -3.62 -16.22
N LYS A 185 0.00 -2.79 -16.20
CA LYS A 185 -0.06 -1.45 -15.63
C LYS A 185 -1.15 -0.64 -16.32
N LYS A 186 -1.30 -0.85 -17.63
CA LYS A 186 -2.31 -0.13 -18.39
C LYS A 186 -3.71 -0.61 -18.04
N ARG A 187 -3.92 -1.91 -18.19
CA ARG A 187 -5.22 -2.52 -17.89
C ARG A 187 -5.75 -2.15 -16.51
N ILE A 188 -4.97 -2.46 -15.48
CA ILE A 188 -5.39 -2.18 -14.11
C ILE A 188 -5.63 -0.69 -13.89
N SER A 189 -4.73 0.15 -14.38
CA SER A 189 -4.89 1.59 -14.21
C SER A 189 -6.16 2.12 -14.86
N SER A 190 -6.73 1.32 -15.77
CA SER A 190 -7.93 1.70 -16.50
C SER A 190 -9.26 1.36 -15.84
N ILE A 191 -9.24 0.39 -14.92
CA ILE A 191 -10.47 0.02 -14.23
C ILE A 191 -11.00 1.27 -13.53
N PRO A 192 -12.24 1.69 -13.86
CA PRO A 192 -12.96 2.87 -13.34
C PRO A 192 -12.66 3.28 -11.92
N THR A 193 -12.89 2.38 -10.96
CA THR A 193 -12.62 2.72 -9.56
C THR A 193 -11.16 3.12 -9.38
N ILE A 194 -10.25 2.32 -9.92
CA ILE A 194 -8.84 2.59 -9.81
C ILE A 194 -8.48 3.85 -10.58
N LYS A 195 -9.05 3.99 -11.77
CA LYS A 195 -8.79 5.14 -12.61
C LYS A 195 -9.16 6.42 -11.89
N LYS A 196 -10.22 6.36 -11.10
CA LYS A 196 -10.68 7.53 -10.35
C LYS A 196 -9.70 7.84 -9.22
N PHE A 197 -9.14 6.78 -8.63
CA PHE A 197 -8.20 6.92 -7.54
C PHE A 197 -6.89 7.53 -8.01
N LEU A 198 -6.52 7.24 -9.25
CA LEU A 198 -5.29 7.77 -9.81
C LEU A 198 -5.51 9.21 -10.29
N ALA A 199 -6.77 9.54 -10.59
CA ALA A 199 -7.14 10.86 -11.07
C ALA A 199 -6.95 11.94 -10.03
N PRO A 200 -7.05 13.22 -10.44
CA PRO A 200 -6.89 14.35 -9.52
C PRO A 200 -8.02 14.46 -8.51
N GLY A 201 -7.72 14.99 -7.33
CA GLY A 201 -8.72 15.17 -6.31
C GLY A 201 -9.09 13.96 -5.47
N SER A 202 -8.50 12.82 -5.76
CA SER A 202 -8.78 11.59 -5.01
C SER A 202 -8.03 11.63 -3.70
N LYS A 203 -8.19 10.59 -2.89
CA LYS A 203 -7.53 10.52 -1.59
C LYS A 203 -6.16 9.87 -1.65
N ARG A 204 -5.71 9.51 -2.85
CA ARG A 204 -4.40 8.91 -2.97
C ARG A 204 -3.42 9.91 -2.38
N LYS A 205 -2.50 9.43 -1.55
CA LYS A 205 -1.53 10.32 -0.94
C LYS A 205 -0.25 10.40 -1.77
N PRO A 206 0.42 11.56 -1.73
CA PRO A 206 1.66 11.78 -2.48
C PRO A 206 2.93 11.24 -1.80
N ILE A 207 4.05 11.31 -2.50
CA ILE A 207 5.32 10.87 -1.95
C ILE A 207 5.55 11.72 -0.69
N SER A 208 5.83 11.06 0.43
CA SER A 208 6.03 11.76 1.69
C SER A 208 7.21 12.72 1.67
N ASP A 209 6.94 13.98 2.03
CA ASP A 209 7.99 15.00 2.06
C ASP A 209 8.55 15.17 3.49
N ASP A 210 9.24 16.29 3.74
CA ASP A 210 9.82 16.54 5.06
C ASP A 210 8.78 16.86 6.14
N LYS A 211 7.70 17.53 5.73
CA LYS A 211 6.65 17.87 6.67
C LYS A 211 6.06 16.58 7.23
N TYR A 212 5.94 15.57 6.36
CA TYR A 212 5.40 14.29 6.77
C TYR A 212 6.28 13.74 7.88
N VAL A 213 7.58 13.70 7.61
CA VAL A 213 8.54 13.18 8.58
C VAL A 213 8.42 13.93 9.91
N GLU A 214 8.40 15.26 9.84
CA GLU A 214 8.28 16.08 11.04
C GLU A 214 7.04 15.69 11.85
N THR A 215 5.89 15.69 11.20
CA THR A 215 4.64 15.34 11.86
C THR A 215 4.72 13.97 12.52
N VAL A 216 5.46 13.05 11.91
CA VAL A 216 5.59 11.71 12.46
C VAL A 216 6.48 11.76 13.69
N ARG A 217 7.68 12.32 13.55
CA ARG A 217 8.61 12.42 14.66
C ARG A 217 8.05 13.19 15.86
N ARG A 218 7.17 14.14 15.61
CA ARG A 218 6.57 14.92 16.67
C ARG A 218 5.46 14.17 17.42
N VAL A 219 4.58 13.50 16.67
CA VAL A 219 3.47 12.78 17.28
C VAL A 219 3.88 11.45 17.92
N LEU A 220 4.81 10.74 17.31
CA LEU A 220 5.24 9.46 17.85
C LEU A 220 6.54 9.54 18.63
N ARG A 221 7.31 10.59 18.42
CA ARG A 221 8.58 10.76 19.11
C ARG A 221 9.53 9.61 18.77
N MET A 222 9.54 9.20 17.50
CA MET A 222 10.40 8.12 17.06
C MET A 222 11.08 8.46 15.74
N TYR A 223 11.62 7.43 15.11
CA TYR A 223 12.27 7.54 13.81
C TYR A 223 13.12 8.82 13.66
N TYR A 224 13.93 9.11 14.67
CA TYR A 224 14.79 10.28 14.64
C TYR A 224 16.05 9.98 13.83
N ASP A 225 16.56 8.76 13.98
CA ASP A 225 17.76 8.34 13.25
C ASP A 225 17.50 7.03 12.53
N VAL A 226 16.72 7.10 11.45
CA VAL A 226 16.40 5.91 10.67
C VAL A 226 17.56 5.54 9.74
N LYS A 227 18.06 4.32 9.89
CA LYS A 227 19.17 3.85 9.08
C LYS A 227 18.72 3.11 7.83
N PRO A 228 19.61 3.05 6.81
CA PRO A 228 19.37 2.39 5.52
C PRO A 228 19.40 0.86 5.58
#